data_3V3B
#
_entry.id   3V3B
#
_cell.length_a   45.400
_cell.length_b   42.410
_cell.length_c   50.500
_cell.angle_alpha   90.00
_cell.angle_beta   90.86
_cell.angle_gamma   90.00
#
_symmetry.space_group_name_H-M   'P 1 21 1'
#
loop_
_entity.id
_entity.type
_entity.pdbx_description
1 polymer 'E3 ubiquitin-protein ligase Mdm2'
2 polymer 'SAH-p53-8 stapled-peptide'
3 non-polymer 'CHLORIDE ION'
4 water water
#
loop_
_entity_poly.entity_id
_entity_poly.type
_entity_poly.pdbx_seq_one_letter_code
_entity_poly.pdbx_strand_id
1 'polypeptide(L)'
;MQETLVRPKPLLLKLLKSVGAQKDTYTMKEVLFYLGQYIMTKRLYDEKQQHIVYCSNDLLGDLFGVPSFSVKEHRKIYTM
IYRNLVVV
;
A,B
2 'polypeptide(L)' QSQQTF(0EH)NLWRLL(MK8)QN C,D
#
# COMPACT_ATOMS: atom_id res chain seq x y z
N GLN A 2 -28.05 6.74 -5.34
CA GLN A 2 -27.08 7.50 -6.18
C GLN A 2 -25.75 6.81 -6.07
N GLU A 3 -24.74 7.39 -6.74
CA GLU A 3 -23.39 6.85 -6.70
C GLU A 3 -22.39 7.93 -6.31
N THR A 4 -21.27 7.48 -5.76
CA THR A 4 -20.14 8.35 -5.44
C THR A 4 -18.94 7.74 -6.16
N LEU A 5 -18.28 8.53 -7.00
CA LEU A 5 -17.13 8.03 -7.77
C LEU A 5 -15.84 8.29 -7.00
N VAL A 6 -14.90 7.35 -7.05
CA VAL A 6 -13.67 7.44 -6.28
C VAL A 6 -12.45 6.97 -7.06
N ARG A 7 -11.29 7.52 -6.71
CA ARG A 7 -10.00 7.11 -7.25
C ARG A 7 -9.10 6.56 -6.12
N PRO A 8 -8.95 5.23 -6.06
CA PRO A 8 -8.09 4.62 -5.06
C PRO A 8 -6.64 5.08 -5.16
N LYS A 9 -6.01 5.23 -4.00
CA LYS A 9 -4.57 5.44 -3.91
C LYS A 9 -3.85 4.11 -4.22
N PRO A 10 -2.53 4.14 -4.44
CA PRO A 10 -1.81 2.97 -4.98
C PRO A 10 -2.03 1.62 -4.27
N LEU A 11 -1.94 1.55 -2.93
CA LEU A 11 -2.08 0.25 -2.27
C LEU A 11 -3.53 -0.31 -2.40
N LEU A 12 -4.54 0.55 -2.21
CA LEU A 12 -5.92 0.13 -2.44
C LEU A 12 -6.11 -0.36 -3.88
N LEU A 13 -5.60 0.41 -4.83
CA LEU A 13 -5.68 0.02 -6.24
C LEU A 13 -5.06 -1.38 -6.46
N LYS A 14 -3.95 -1.65 -5.80
CA LYS A 14 -3.30 -2.96 -5.90
C LYS A 14 -4.20 -4.09 -5.38
N LEU A 15 -4.82 -3.85 -4.24
CA LEU A 15 -5.73 -4.81 -3.63
C LEU A 15 -6.91 -5.11 -4.56
N LEU A 16 -7.56 -4.04 -5.01
CA LEU A 16 -8.73 -4.16 -5.91
C LEU A 16 -8.38 -5.00 -7.13
N LYS A 17 -7.28 -4.66 -7.80
CA LYS A 17 -6.83 -5.41 -8.98
C LYS A 17 -6.44 -6.85 -8.69
N SER A 18 -6.01 -7.14 -7.46
CA SER A 18 -5.68 -8.51 -7.08
C SER A 18 -6.92 -9.41 -7.03
N VAL A 19 -8.12 -8.81 -6.95
CA VAL A 19 -9.37 -9.58 -6.94
C VAL A 19 -10.23 -9.32 -8.19
N GLY A 20 -9.60 -8.85 -9.26
CA GLY A 20 -10.27 -8.75 -10.56
C GLY A 20 -10.54 -7.36 -11.09
N ALA A 21 -10.51 -6.35 -10.22
CA ALA A 21 -10.77 -4.98 -10.66
C ALA A 21 -9.77 -4.59 -11.76
N GLN A 22 -10.22 -3.85 -12.78
CA GLN A 22 -9.36 -3.52 -13.91
C GLN A 22 -9.30 -2.05 -14.33
N LYS A 23 -9.67 -1.14 -13.43
CA LYS A 23 -9.76 0.28 -13.79
C LYS A 23 -9.16 1.18 -12.73
N ASP A 24 -9.14 2.49 -13.01
CA ASP A 24 -8.58 3.49 -12.10
C ASP A 24 -9.65 4.21 -11.27
N THR A 25 -10.86 4.31 -11.81
CA THR A 25 -11.97 4.99 -11.14
C THR A 25 -13.14 4.05 -10.87
N TYR A 26 -13.67 4.11 -9.65
CA TYR A 26 -14.68 3.18 -9.19
C TYR A 26 -15.84 3.92 -8.54
N THR A 27 -16.97 3.23 -8.43
CA THR A 27 -18.00 3.63 -7.48
C THR A 27 -17.62 3.08 -6.11
N MET A 28 -18.13 3.70 -5.04
CA MET A 28 -17.95 3.18 -3.70
C MET A 28 -18.51 1.77 -3.54
N LYS A 29 -19.62 1.48 -4.22
CA LYS A 29 -20.21 0.14 -4.21
C LYS A 29 -19.21 -0.89 -4.74
N GLU A 30 -18.52 -0.54 -5.82
CA GLU A 30 -17.47 -1.41 -6.37
C GLU A 30 -16.31 -1.62 -5.39
N VAL A 31 -15.82 -0.55 -4.78
CA VAL A 31 -14.75 -0.67 -3.78
C VAL A 31 -15.13 -1.63 -2.64
N LEU A 32 -16.33 -1.45 -2.09
CA LEU A 32 -16.81 -2.27 -0.98
C LEU A 32 -17.02 -3.74 -1.37
N PHE A 33 -17.52 -3.96 -2.59
CA PHE A 33 -17.60 -5.31 -3.15
C PHE A 33 -16.22 -5.99 -3.20
N TYR A 34 -15.28 -5.36 -3.88
CA TYR A 34 -13.95 -5.95 -4.06
C TYR A 34 -13.22 -6.19 -2.72
N LEU A 35 -13.38 -5.27 -1.76
CA LEU A 35 -12.81 -5.48 -0.43
C LEU A 35 -13.43 -6.70 0.27
N GLY A 36 -14.76 -6.86 0.19
CA GLY A 36 -15.44 -8.03 0.75
C GLY A 36 -14.98 -9.31 0.08
N GLN A 37 -14.83 -9.25 -1.24
CA GLN A 37 -14.30 -10.36 -2.03
C GLN A 37 -12.89 -10.75 -1.61
N TYR A 38 -12.06 -9.73 -1.43
CA TYR A 38 -10.68 -9.91 -1.00
C TYR A 38 -10.61 -10.63 0.36
N ILE A 39 -11.33 -10.10 1.35
CA ILE A 39 -11.34 -10.67 2.70
C ILE A 39 -11.85 -12.11 2.68
N MET A 40 -12.92 -12.35 1.93
CA MET A 40 -13.49 -13.68 1.86
C MET A 40 -12.52 -14.66 1.15
N THR A 41 -12.01 -14.26 0.00
CA THR A 41 -11.05 -15.07 -0.77
C THR A 41 -9.83 -15.49 0.06
N LYS A 42 -9.29 -14.56 0.83
CA LYS A 42 -8.11 -14.85 1.67
C LYS A 42 -8.43 -15.38 3.06
N ARG A 43 -9.73 -15.61 3.35
CA ARG A 43 -10.20 -16.12 4.64
C ARG A 43 -9.57 -15.40 5.83
N LEU A 44 -9.57 -14.07 5.77
CA LEU A 44 -8.97 -13.26 6.83
C LEU A 44 -9.77 -13.25 8.12
N TYR A 45 -11.06 -13.56 8.02
CA TYR A 45 -11.96 -13.54 9.16
C TYR A 45 -11.76 -14.76 10.09
N ASP A 46 -12.10 -14.58 11.35
CA ASP A 46 -12.11 -15.67 12.34
C ASP A 46 -13.14 -16.73 11.94
N GLU A 47 -12.71 -17.98 11.82
CA GLU A 47 -13.59 -19.08 11.37
C GLU A 47 -14.85 -19.24 12.24
N LYS A 48 -14.76 -18.93 13.54
CA LYS A 48 -15.87 -19.14 14.47
C LYS A 48 -16.73 -17.88 14.63
N GLN A 49 -16.08 -16.74 14.83
CA GLN A 49 -16.78 -15.46 14.94
C GLN A 49 -16.45 -14.63 13.70
N GLN A 50 -17.23 -14.80 12.64
CA GLN A 50 -16.85 -14.31 11.30
C GLN A 50 -16.98 -12.80 11.10
N HIS A 51 -17.50 -12.08 12.10
CA HIS A 51 -17.41 -10.61 12.12
C HIS A 51 -15.99 -10.10 12.41
N ILE A 52 -15.11 -10.97 12.92
CA ILE A 52 -13.76 -10.55 13.26
C ILE A 52 -12.83 -10.80 12.08
N VAL A 53 -12.16 -9.74 11.65
CA VAL A 53 -11.17 -9.85 10.57
C VAL A 53 -9.77 -9.58 11.12
N TYR A 54 -8.87 -10.54 10.91
CA TYR A 54 -7.48 -10.41 11.28
C TYR A 54 -6.65 -10.04 10.05
N CYS A 55 -5.89 -8.97 10.14
CA CYS A 55 -5.13 -8.52 8.98
C CYS A 55 -3.72 -8.04 9.27
N SER A 56 -3.14 -8.40 10.42
CA SER A 56 -1.79 -7.95 10.75
C SER A 56 -0.70 -8.55 9.86
N ASN A 57 -0.97 -9.69 9.21
CA ASN A 57 -0.01 -10.26 8.27
C ASN A 57 -0.52 -10.21 6.84
N ASP A 58 -1.38 -9.23 6.57
CA ASP A 58 -1.93 -9.05 5.22
C ASP A 58 -1.78 -7.60 4.78
N LEU A 59 -1.73 -7.39 3.46
CA LEU A 59 -1.73 -6.05 2.86
C LEU A 59 -2.86 -5.18 3.41
N LEU A 60 -4.00 -5.81 3.70
CA LEU A 60 -5.17 -5.09 4.23
C LEU A 60 -4.86 -4.37 5.54
N GLY A 61 -4.05 -4.99 6.40
CA GLY A 61 -3.56 -4.35 7.61
C GLY A 61 -2.70 -3.13 7.33
N ASP A 62 -1.88 -3.21 6.29
CA ASP A 62 -1.07 -2.06 5.88
C ASP A 62 -1.92 -0.95 5.27
N LEU A 63 -3.02 -1.33 4.62
CA LEU A 63 -3.98 -0.38 4.07
C LEU A 63 -4.77 0.34 5.17
N PHE A 64 -5.31 -0.44 6.10
CA PHE A 64 -6.21 0.09 7.13
C PHE A 64 -5.46 0.60 8.34
N GLY A 65 -4.21 0.16 8.51
CA GLY A 65 -3.38 0.57 9.64
C GLY A 65 -3.85 0.01 10.98
N VAL A 66 -4.47 -1.17 10.93
CA VAL A 66 -4.93 -1.89 12.12
C VAL A 66 -4.56 -3.36 11.98
N PRO A 67 -4.33 -4.05 13.12
CA PRO A 67 -4.08 -5.48 13.11
C PRO A 67 -5.33 -6.34 12.93
N SER A 68 -6.49 -5.74 13.19
CA SER A 68 -7.77 -6.42 13.15
C SER A 68 -8.88 -5.37 13.22
N PHE A 69 -10.08 -5.79 12.84
CA PHE A 69 -11.27 -4.97 13.03
C PHE A 69 -12.50 -5.87 13.00
N SER A 70 -13.64 -5.29 13.36
CA SER A 70 -14.92 -5.99 13.30
C SER A 70 -15.77 -5.46 12.14
N VAL A 71 -16.41 -6.39 11.41
CA VAL A 71 -17.29 -6.02 10.28
C VAL A 71 -18.44 -5.13 10.74
N LYS A 72 -18.79 -5.22 12.01
CA LYS A 72 -19.85 -4.41 12.59
C LYS A 72 -19.45 -2.94 12.81
N GLU A 73 -18.16 -2.60 12.75
CA GLU A 73 -17.72 -1.21 12.92
C GLU A 73 -17.92 -0.42 11.63
N HIS A 74 -19.18 -0.16 11.28
CA HIS A 74 -19.49 0.42 9.96
C HIS A 74 -18.76 1.76 9.75
N ARG A 75 -18.78 2.63 10.76
CA ARG A 75 -18.09 3.93 10.64
C ARG A 75 -16.58 3.77 10.44
N LYS A 76 -15.94 2.99 11.31
CA LYS A 76 -14.47 2.87 11.25
C LYS A 76 -14.02 2.25 9.93
N ILE A 77 -14.75 1.27 9.41
CA ILE A 77 -14.40 0.65 8.11
C ILE A 77 -14.44 1.69 6.98
N TYR A 78 -15.53 2.46 6.94
CA TYR A 78 -15.63 3.52 5.93
C TYR A 78 -14.54 4.57 6.07
N THR A 79 -14.24 4.96 7.32
CA THR A 79 -13.15 5.89 7.58
C THR A 79 -11.82 5.35 7.05
N MET A 80 -11.57 4.05 7.26
CA MET A 80 -10.30 3.44 6.83
C MET A 80 -10.21 3.28 5.30
N ILE A 81 -11.35 3.04 4.66
CA ILE A 81 -11.43 3.01 3.21
C ILE A 81 -11.24 4.43 2.62
N TYR A 82 -11.96 5.43 3.15
CA TYR A 82 -11.85 6.82 2.66
C TYR A 82 -10.43 7.40 2.72
N ARG A 83 -9.67 7.04 3.75
CA ARG A 83 -8.27 7.46 3.84
C ARG A 83 -7.44 6.99 2.62
N ASN A 84 -7.92 5.97 1.92
CA ASN A 84 -7.17 5.35 0.82
C ASN A 84 -7.74 5.65 -0.56
N LEU A 85 -8.56 6.67 -0.64
CA LEU A 85 -9.11 7.11 -1.93
C LEU A 85 -9.38 8.61 -1.94
N VAL A 86 -9.61 9.13 -3.14
CA VAL A 86 -10.05 10.50 -3.33
C VAL A 86 -11.42 10.48 -3.99
N VAL A 87 -12.36 11.24 -3.44
CA VAL A 87 -13.70 11.34 -3.98
C VAL A 87 -13.71 12.18 -5.26
N VAL A 88 -14.45 11.66 -6.24
CA VAL A 88 -14.56 12.17 -7.61
C VAL A 88 -13.25 12.05 -8.37
N GLN B 2 17.38 22.50 8.91
CA GLN B 2 16.07 21.90 9.30
C GLN B 2 15.80 20.62 8.50
N GLU B 3 14.74 19.92 8.89
CA GLU B 3 14.26 18.76 8.18
C GLU B 3 12.73 18.68 8.13
N THR B 4 12.19 18.66 6.92
CA THR B 4 10.76 18.38 6.70
C THR B 4 10.40 16.95 7.14
N LEU B 5 9.26 16.81 7.80
CA LEU B 5 8.72 15.49 8.13
C LEU B 5 7.64 15.09 7.13
N VAL B 6 7.62 13.80 6.81
CA VAL B 6 6.70 13.25 5.85
C VAL B 6 5.96 12.05 6.43
N ARG B 7 4.74 11.84 5.93
CA ARG B 7 3.90 10.71 6.27
C ARG B 7 3.69 9.90 4.99
N PRO B 8 4.43 8.80 4.84
CA PRO B 8 4.25 7.94 3.68
C PRO B 8 2.83 7.43 3.55
N LYS B 9 2.34 7.35 2.33
CA LYS B 9 1.07 6.69 2.09
C LYS B 9 1.26 5.17 2.27
N PRO B 10 0.16 4.41 2.39
CA PRO B 10 0.28 3.01 2.77
C PRO B 10 1.24 2.11 1.97
N LEU B 11 1.32 2.29 0.65
CA LEU B 11 2.21 1.46 -0.18
C LEU B 11 3.68 1.71 0.15
N LEU B 12 4.09 2.98 0.18
CA LEU B 12 5.44 3.33 0.57
C LEU B 12 5.69 2.91 2.02
N LEU B 13 4.71 3.13 2.90
CA LEU B 13 4.89 2.79 4.34
C LEU B 13 5.19 1.30 4.51
N LYS B 14 4.42 0.46 3.83
CA LYS B 14 4.63 -1.00 3.83
C LYS B 14 6.06 -1.36 3.41
N LEU B 15 6.56 -0.76 2.32
CA LEU B 15 7.94 -1.02 1.89
C LEU B 15 8.94 -0.71 3.02
N LEU B 16 8.76 0.46 3.65
CA LEU B 16 9.65 0.91 4.72
C LEU B 16 9.62 -0.04 5.93
N LYS B 17 8.42 -0.41 6.33
CA LYS B 17 8.23 -1.27 7.51
C LYS B 17 8.72 -2.71 7.29
N SER B 18 8.69 -3.17 6.03
CA SER B 18 9.16 -4.51 5.73
C SER B 18 10.67 -4.65 5.97
N VAL B 19 11.39 -3.54 6.02
CA VAL B 19 12.81 -3.56 6.41
C VAL B 19 13.06 -2.96 7.80
N GLY B 20 12.05 -3.07 8.67
CA GLY B 20 12.23 -2.76 10.09
C GLY B 20 11.88 -1.35 10.57
N ALA B 21 11.44 -0.49 9.66
CA ALA B 21 10.93 0.84 10.03
C ALA B 21 9.70 0.65 10.90
N GLN B 22 9.57 1.46 11.95
CA GLN B 22 8.51 1.23 12.95
C GLN B 22 7.51 2.38 13.14
N LYS B 23 7.77 3.54 12.53
CA LYS B 23 6.89 4.71 12.73
C LYS B 23 6.06 5.08 11.49
N ASP B 24 5.22 6.10 11.65
CA ASP B 24 4.35 6.57 10.57
C ASP B 24 4.84 7.89 9.96
N THR B 25 5.77 8.54 10.66
CA THR B 25 6.30 9.83 10.27
C THR B 25 7.82 9.68 10.14
N TYR B 26 8.38 10.28 9.09
CA TYR B 26 9.78 10.14 8.75
C TYR B 26 10.38 11.43 8.23
N THR B 27 11.71 11.51 8.28
CA THR B 27 12.45 12.50 7.52
C THR B 27 12.78 11.88 6.16
N MET B 28 13.10 12.73 5.20
CA MET B 28 13.44 12.26 3.85
C MET B 28 14.69 11.35 3.88
N LYS B 29 15.65 11.69 4.73
CA LYS B 29 16.86 10.87 4.94
C LYS B 29 16.50 9.45 5.34
N GLU B 30 15.53 9.33 6.24
CA GLU B 30 15.07 8.02 6.71
C GLU B 30 14.36 7.22 5.60
N VAL B 31 13.48 7.87 4.85
CA VAL B 31 12.82 7.27 3.70
C VAL B 31 13.84 6.70 2.70
N LEU B 32 14.82 7.53 2.30
CA LEU B 32 15.85 7.09 1.37
C LEU B 32 16.72 5.94 1.91
N PHE B 33 17.04 5.99 3.20
CA PHE B 33 17.76 4.87 3.83
C PHE B 33 16.97 3.56 3.74
N TYR B 34 15.72 3.58 4.17
CA TYR B 34 14.91 2.35 4.20
C TYR B 34 14.66 1.79 2.80
N LEU B 35 14.52 2.68 1.82
CA LEU B 35 14.32 2.29 0.42
C LEU B 35 15.55 1.62 -0.16
N GLY B 36 16.71 2.20 0.14
CA GLY B 36 17.98 1.58 -0.23
C GLY B 36 18.14 0.21 0.42
N GLN B 37 17.73 0.11 1.69
CA GLN B 37 17.77 -1.15 2.43
C GLN B 37 16.85 -2.18 1.80
N TYR B 38 15.67 -1.74 1.40
CA TYR B 38 14.69 -2.61 0.75
C TYR B 38 15.24 -3.20 -0.55
N ILE B 39 15.75 -2.33 -1.42
CA ILE B 39 16.25 -2.75 -2.74
C ILE B 39 17.45 -3.70 -2.56
N MET B 40 18.35 -3.35 -1.65
CA MET B 40 19.54 -4.15 -1.39
C MET B 40 19.15 -5.52 -0.86
N THR B 41 18.31 -5.49 0.17
CA THR B 41 17.87 -6.71 0.85
C THR B 41 17.12 -7.66 -0.06
N LYS B 42 16.24 -7.12 -0.88
CA LYS B 42 15.50 -7.94 -1.85
C LYS B 42 16.25 -8.23 -3.16
N ARG B 43 17.47 -7.72 -3.28
CA ARG B 43 18.34 -8.05 -4.42
C ARG B 43 17.66 -7.69 -5.75
N LEU B 44 17.01 -6.53 -5.78
CA LEU B 44 16.31 -6.05 -6.97
C LEU B 44 17.29 -5.44 -7.97
N TYR B 45 18.52 -5.18 -7.53
CA TYR B 45 19.55 -4.60 -8.39
C TYR B 45 20.17 -5.71 -9.24
N ASP B 46 20.65 -5.33 -10.43
CA ASP B 46 21.34 -6.25 -11.32
C ASP B 46 22.70 -6.60 -10.74
N GLU B 47 23.03 -7.89 -10.69
CA GLU B 47 24.28 -8.32 -10.04
C GLU B 47 25.53 -7.85 -10.80
N LYS B 48 25.43 -7.67 -12.12
CA LYS B 48 26.57 -7.24 -12.94
C LYS B 48 26.73 -5.71 -13.01
N GLN B 49 25.63 -4.99 -13.23
CA GLN B 49 25.67 -3.53 -13.19
C GLN B 49 24.69 -3.09 -12.11
N GLN B 50 25.19 -2.85 -10.89
CA GLN B 50 24.33 -2.72 -9.72
C GLN B 50 23.59 -1.39 -9.60
N HIS B 51 23.88 -0.45 -10.48
CA HIS B 51 23.09 0.77 -10.56
C HIS B 51 21.72 0.53 -11.22
N ILE B 52 21.53 -0.65 -11.83
CA ILE B 52 20.26 -0.98 -12.46
C ILE B 52 19.35 -1.73 -11.48
N VAL B 53 18.17 -1.18 -11.23
CA VAL B 53 17.15 -1.81 -10.39
C VAL B 53 16.03 -2.35 -11.28
N TYR B 54 15.71 -3.63 -11.12
CA TYR B 54 14.56 -4.24 -11.79
C TYR B 54 13.46 -4.52 -10.76
N CYS B 55 12.32 -3.85 -10.91
CA CYS B 55 11.27 -3.85 -9.88
C CYS B 55 9.91 -4.30 -10.40
N SER B 56 9.87 -4.82 -11.62
CA SER B 56 8.60 -5.10 -12.28
C SER B 56 7.80 -6.14 -11.51
N ASN B 57 8.50 -7.10 -10.90
CA ASN B 57 7.84 -8.20 -10.22
C ASN B 57 7.79 -8.00 -8.71
N ASP B 58 7.86 -6.74 -8.28
CA ASP B 58 7.92 -6.39 -6.86
C ASP B 58 6.93 -5.27 -6.55
N LEU B 59 6.58 -5.17 -5.28
CA LEU B 59 5.77 -4.04 -4.79
C LEU B 59 6.37 -2.69 -5.16
N LEU B 60 7.70 -2.59 -5.20
CA LEU B 60 8.39 -1.35 -5.55
C LEU B 60 8.01 -0.88 -6.96
N GLY B 61 7.77 -1.82 -7.88
CA GLY B 61 7.32 -1.47 -9.23
C GLY B 61 6.00 -0.71 -9.22
N ASP B 62 5.12 -1.05 -8.27
CA ASP B 62 3.87 -0.29 -8.10
C ASP B 62 4.13 1.14 -7.65
N LEU B 63 5.16 1.36 -6.83
CA LEU B 63 5.54 2.70 -6.37
C LEU B 63 6.11 3.55 -7.51
N PHE B 64 7.00 2.95 -8.29
CA PHE B 64 7.72 3.66 -9.35
C PHE B 64 6.92 3.74 -10.66
N GLY B 65 6.01 2.80 -10.87
CA GLY B 65 5.24 2.74 -12.11
C GLY B 65 6.08 2.45 -13.35
N VAL B 66 7.21 1.76 -13.16
CA VAL B 66 8.09 1.35 -14.27
C VAL B 66 8.66 -0.03 -13.94
N PRO B 67 9.04 -0.81 -14.98
CA PRO B 67 9.62 -2.14 -14.71
C PRO B 67 11.05 -2.09 -14.17
N SER B 68 11.75 -0.98 -14.42
CA SER B 68 13.15 -0.84 -14.05
C SER B 68 13.59 0.62 -14.05
N PHE B 69 14.63 0.91 -13.26
CA PHE B 69 15.22 2.24 -13.30
C PHE B 69 16.70 2.20 -12.94
N SER B 70 17.40 3.26 -13.32
CA SER B 70 18.77 3.47 -12.87
C SER B 70 18.79 4.31 -11.61
N VAL B 71 19.71 3.99 -10.70
CA VAL B 71 19.93 4.79 -9.50
C VAL B 71 20.28 6.26 -9.82
N LYS B 72 20.75 6.52 -11.04
CA LYS B 72 21.06 7.89 -11.46
C LYS B 72 19.80 8.68 -11.85
N GLU B 73 18.63 8.03 -11.86
CA GLU B 73 17.38 8.72 -12.19
C GLU B 73 16.86 9.47 -10.96
N HIS B 74 17.59 10.51 -10.58
CA HIS B 74 17.26 11.31 -9.38
C HIS B 74 15.86 11.87 -9.47
N ARG B 75 15.50 12.41 -10.64
CA ARG B 75 14.19 13.03 -10.83
C ARG B 75 13.05 12.01 -10.68
N LYS B 76 13.21 10.82 -11.28
CA LYS B 76 12.19 9.76 -11.13
C LYS B 76 12.06 9.34 -9.67
N ILE B 77 13.20 9.16 -9.01
CA ILE B 77 13.20 8.64 -7.65
C ILE B 77 12.52 9.59 -6.66
N TYR B 78 12.96 10.83 -6.61
CA TYR B 78 12.35 11.81 -5.70
C TYR B 78 10.87 12.06 -6.03
N THR B 79 10.52 12.09 -7.32
CA THR B 79 9.15 12.36 -7.72
C THR B 79 8.22 11.27 -7.23
N MET B 80 8.60 10.01 -7.46
CA MET B 80 7.72 8.91 -7.09
C MET B 80 7.64 8.80 -5.57
N ILE B 81 8.73 9.11 -4.88
CA ILE B 81 8.70 9.16 -3.42
C ILE B 81 7.68 10.22 -2.97
N TYR B 82 7.80 11.44 -3.50
CA TYR B 82 6.90 12.53 -3.12
C TYR B 82 5.45 12.28 -3.51
N ARG B 83 5.22 11.60 -4.62
CA ARG B 83 3.85 11.23 -5.01
C ARG B 83 3.20 10.28 -4.03
N ASN B 84 4.02 9.62 -3.22
CA ASN B 84 3.55 8.59 -2.29
C ASN B 84 3.70 8.99 -0.82
N LEU B 85 3.66 10.30 -0.58
CA LEU B 85 3.71 10.81 0.79
C LEU B 85 2.97 12.12 0.90
N VAL B 86 2.66 12.51 2.13
CA VAL B 86 2.15 13.84 2.44
C VAL B 86 3.07 14.45 3.49
N VAL B 87 3.44 15.71 3.31
CA VAL B 87 4.31 16.37 4.28
C VAL B 87 3.50 16.73 5.51
N VAL B 88 4.16 16.76 6.65
CA VAL B 88 3.53 17.14 7.92
C VAL B 88 3.57 18.66 8.08
N THR C 5 29.12 -0.88 -6.18
CA THR C 5 28.09 -1.75 -5.52
C THR C 5 26.81 -0.95 -5.35
N PHE C 6 25.67 -1.63 -5.32
CA PHE C 6 24.40 -0.93 -5.20
C PHE C 6 24.40 -0.10 -3.91
N ASN C 8 26.86 1.36 -2.28
CA ASN C 8 27.64 2.62 -2.49
C ASN C 8 26.95 3.60 -3.41
N LEU C 9 26.32 3.10 -4.48
CA LEU C 9 25.62 3.96 -5.40
C LEU C 9 24.48 4.67 -4.70
N TRP C 10 23.71 3.91 -3.92
CA TRP C 10 22.60 4.51 -3.17
C TRP C 10 23.11 5.44 -2.06
N ARG C 11 24.21 5.05 -1.40
CA ARG C 11 24.92 5.96 -0.48
C ARG C 11 25.27 7.28 -1.15
N LEU C 12 25.82 7.20 -2.37
CA LEU C 12 26.12 8.38 -3.18
C LEU C 12 24.89 9.22 -3.44
N LEU C 13 23.79 8.57 -3.80
CA LEU C 13 22.50 9.25 -3.97
C LEU C 13 22.07 9.92 -2.66
N GLN D 4 -23.56 -16.25 11.98
CA GLN D 4 -23.58 -15.61 10.64
C GLN D 4 -22.26 -15.78 9.85
N THR D 5 -22.40 -15.78 8.54
CA THR D 5 -21.28 -15.98 7.63
C THR D 5 -20.62 -14.61 7.39
N PHE D 6 -19.29 -14.56 7.23
CA PHE D 6 -18.64 -13.31 6.81
C PHE D 6 -19.34 -12.72 5.58
N ASN D 8 -22.54 -12.76 4.61
CA ASN D 8 -23.78 -12.03 5.02
C ASN D 8 -23.50 -10.81 5.87
N LEU D 9 -22.51 -10.88 6.75
CA LEU D 9 -22.15 -9.72 7.56
C LEU D 9 -21.64 -8.59 6.67
N TRP D 10 -20.80 -8.91 5.69
CA TRP D 10 -20.28 -7.89 4.79
C TRP D 10 -21.39 -7.37 3.88
N ARG D 11 -22.31 -8.23 3.44
CA ARG D 11 -23.47 -7.74 2.68
C ARG D 11 -24.30 -6.75 3.48
N LEU D 12 -24.54 -7.04 4.76
CA LEU D 12 -25.22 -6.07 5.64
C LEU D 12 -24.48 -4.73 5.69
N LEU D 13 -23.14 -4.79 5.74
CA LEU D 13 -22.32 -3.58 5.59
C LEU D 13 -22.61 -2.91 4.24
N GLN D 15 -25.18 -2.86 1.79
CA GLN D 15 -26.63 -2.66 2.10
C GLN D 15 -26.77 -1.86 3.39
N ASN D 16 -26.29 -0.63 3.34
CA ASN D 16 -26.41 0.33 4.45
C ASN D 16 -27.83 0.44 4.98
#